data_4Z5Q
#
_entry.id   4Z5Q
#
_cell.length_a   47.307
_cell.length_b   83.434
_cell.length_c   48.192
_cell.angle_alpha   90.000
_cell.angle_beta   97.670
_cell.angle_gamma   90.000
#
_symmetry.space_group_name_H-M   'P 1 21 1'
#
loop_
_entity.id
_entity.type
_entity.pdbx_description
1 polymer 'Cytochrome P450 hydroxylase'
2 non-polymer 'PROTOPORPHYRIN IX CONTAINING FE'
3 non-polymer 'MAGNESIUM ION'
4 non-polymer 'CHLORIDE ION'
5 non-polymer 3,6,9,12,15,18-HEXAOXAICOSANE-1,20-DIOL
6 non-polymer 'PENTAETHYLENE GLYCOL'
7 water water
#
_entity_poly.entity_id   1
_entity_poly.type   'polypeptide(L)'
_entity_poly.pdbx_seq_one_letter_code
;MGSSHHHHHHSQDPGDENLYFQSMSTEVETEKPAPVAYPFTGSEGLELSQSYAKLFEDGDPIRVQLPFGEPAWLVTRYDD
ARFVLTDRRFSRHLATQRDEPRMTPRAVPESILTMDPPDHTRLRTLVSKAFTPRRIESKRAWIGELAAGLVADMKAGGAP
AELVGSYALAIPVTVICELLGVPEDDRTRLRGWCDAALSTGELTDEECVQSFMDLQKYFEDLVKERRAEPRDDLTSALIE
ARDAHDRLAEPELIGLCISILIGGFETTASEISSFVHVLQQRRELWTRLCADPEAIPAAVEELLRFVPFAANGISPRYAL
EDMTVGGVLVREGEPVIVDTSAVNRDGLVFDNADEVVIDRADNRHMVFGHGAHHCLGAHLARVELQEALKALVEGMPGLR
LSGDVEWKADMIIRAPRVMHVEW
;
_entity_poly.pdbx_strand_id   A
#
# COMPACT_ATOMS: atom_id res chain seq x y z
N PRO A 33 -22.02 21.56 -7.28
CA PRO A 33 -21.38 21.61 -8.60
C PRO A 33 -21.71 20.39 -9.46
N ALA A 34 -21.53 20.49 -10.78
CA ALA A 34 -21.59 19.29 -11.63
C ALA A 34 -20.34 18.49 -11.27
N PRO A 35 -20.50 17.19 -10.94
CA PRO A 35 -19.29 16.45 -10.61
C PRO A 35 -18.39 16.25 -11.82
N VAL A 36 -17.08 16.18 -11.60
CA VAL A 36 -16.16 15.80 -12.68
C VAL A 36 -15.72 14.35 -12.46
N ALA A 37 -15.42 13.66 -13.57
CA ALA A 37 -14.95 12.30 -13.52
C ALA A 37 -13.63 12.23 -12.80
N TYR A 38 -13.47 11.25 -11.93
CA TYR A 38 -12.19 11.01 -11.22
C TYR A 38 -11.96 9.53 -11.22
N PRO A 39 -10.74 9.04 -11.43
CA PRO A 39 -9.49 9.81 -11.62
C PRO A 39 -9.49 10.65 -12.88
N PHE A 40 -8.66 11.69 -12.91
CA PHE A 40 -8.68 12.68 -13.99
C PHE A 40 -7.98 12.16 -15.23
N ASP A 58 -9.08 28.16 -5.09
CA ASP A 58 -8.76 26.79 -5.45
C ASP A 58 -7.91 26.12 -4.37
N GLY A 59 -7.87 24.79 -4.44
CA GLY A 59 -7.58 23.97 -3.28
C GLY A 59 -8.86 23.66 -2.53
N ASP A 60 -9.99 24.30 -2.86
CA ASP A 60 -11.26 23.93 -2.29
C ASP A 60 -11.65 22.52 -2.72
N PRO A 61 -12.34 21.77 -1.85
CA PRO A 61 -12.78 20.45 -2.31
C PRO A 61 -13.60 20.46 -3.63
N ILE A 62 -13.45 19.44 -4.45
CA ILE A 62 -14.02 19.38 -5.83
C ILE A 62 -15.04 18.26 -5.79
N ARG A 63 -16.20 18.43 -6.39
CA ARG A 63 -17.17 17.38 -6.49
C ARG A 63 -16.74 16.43 -7.62
N VAL A 64 -16.59 15.14 -7.27
CA VAL A 64 -16.12 14.13 -8.23
C VAL A 64 -17.03 12.91 -8.26
N GLN A 65 -16.96 12.18 -9.38
CA GLN A 65 -17.66 10.90 -9.59
C GLN A 65 -16.59 9.84 -9.94
N LEU A 66 -16.45 8.85 -9.06
CA LEU A 66 -15.54 7.76 -9.33
C LEU A 66 -16.30 6.82 -10.26
N PRO A 67 -15.64 5.75 -10.77
CA PRO A 67 -16.34 4.85 -11.73
C PRO A 67 -17.58 4.21 -11.16
N PHE A 68 -17.56 3.96 -9.85
CA PHE A 68 -18.71 3.43 -9.12
C PHE A 68 -18.96 4.23 -7.87
N GLY A 69 -20.16 4.08 -7.33
CA GLY A 69 -20.58 4.76 -6.09
C GLY A 69 -21.27 6.07 -6.32
N GLU A 70 -21.61 6.70 -5.21
N GLU A 70 -21.67 6.70 -5.22
CA GLU A 70 -22.18 8.02 -5.22
CA GLU A 70 -22.27 8.02 -5.28
C GLU A 70 -21.10 9.11 -5.43
C GLU A 70 -21.17 9.08 -5.44
N PRO A 71 -21.53 10.34 -5.78
CA PRO A 71 -20.59 11.43 -5.89
C PRO A 71 -19.97 11.77 -4.53
N ALA A 72 -18.76 12.31 -4.59
CA ALA A 72 -17.95 12.55 -3.44
C ALA A 72 -17.29 13.91 -3.55
N TRP A 73 -16.82 14.39 -2.41
CA TRP A 73 -15.95 15.55 -2.39
C TRP A 73 -14.50 15.10 -2.38
N LEU A 74 -13.67 15.70 -3.22
CA LEU A 74 -12.26 15.37 -3.32
C LEU A 74 -11.45 16.44 -2.65
N VAL A 75 -10.72 16.07 -1.62
CA VAL A 75 -9.89 16.96 -0.83
C VAL A 75 -8.47 16.92 -1.37
N THR A 76 -7.92 18.08 -1.63
CA THR A 76 -6.59 18.24 -2.17
C THR A 76 -5.63 19.03 -1.26
N ARG A 77 -6.12 19.62 -0.17
CA ARG A 77 -5.28 20.36 0.73
C ARG A 77 -4.96 19.54 1.94
N TYR A 78 -3.73 19.62 2.36
CA TYR A 78 -3.23 18.88 3.51
C TYR A 78 -4.00 19.15 4.81
N ASP A 79 -4.22 20.44 5.09
N ASP A 79 -4.21 20.41 5.14
CA ASP A 79 -4.97 20.85 6.29
CA ASP A 79 -4.93 20.68 6.40
C ASP A 79 -6.38 20.25 6.35
C ASP A 79 -6.43 20.31 6.38
N ASP A 80 -7.03 20.20 5.19
CA ASP A 80 -8.37 19.62 5.06
C ASP A 80 -8.29 18.12 5.31
N ALA A 81 -7.28 17.49 4.73
CA ALA A 81 -7.09 16.06 4.91
C ALA A 81 -6.83 15.66 6.33
N ARG A 82 -6.05 16.46 7.06
CA ARG A 82 -5.81 16.12 8.44
C ARG A 82 -7.11 15.99 9.25
N PHE A 83 -8.06 16.89 9.02
CA PHE A 83 -9.38 16.83 9.68
C PHE A 83 -10.14 15.59 9.28
N VAL A 84 -10.20 15.34 7.97
CA VAL A 84 -10.99 14.24 7.44
C VAL A 84 -10.52 12.90 8.01
N LEU A 85 -9.21 12.74 8.19
CA LEU A 85 -8.63 11.46 8.56
C LEU A 85 -8.46 11.29 10.06
N THR A 86 -8.58 12.37 10.81
CA THR A 86 -8.43 12.28 12.27
C THR A 86 -9.71 12.36 13.02
N ASP A 87 -10.68 13.09 12.51
CA ASP A 87 -11.78 13.49 13.36
C ASP A 87 -12.90 12.46 13.44
N ARG A 88 -13.45 12.25 14.65
N ARG A 88 -13.45 12.31 14.66
CA ARG A 88 -14.49 11.25 14.88
CA ARG A 88 -14.51 11.36 14.98
C ARG A 88 -15.88 11.68 14.34
C ARG A 88 -15.83 11.65 14.26
N ARG A 89 -15.98 12.87 13.74
CA ARG A 89 -17.16 13.27 13.00
C ARG A 89 -17.15 12.73 11.56
N PHE A 90 -16.07 12.06 11.16
CA PHE A 90 -15.96 11.31 9.89
C PHE A 90 -15.82 9.78 10.18
N SER A 91 -16.52 8.96 9.41
CA SER A 91 -16.72 7.52 9.68
C SER A 91 -16.32 6.70 8.45
N ARG A 92 -15.78 5.51 8.69
CA ARG A 92 -15.57 4.52 7.63
C ARG A 92 -16.74 3.52 7.59
N HIS A 93 -17.37 3.23 8.74
CA HIS A 93 -18.32 2.12 8.83
C HIS A 93 -19.61 2.39 8.07
N LEU A 94 -19.92 3.66 7.82
CA LEU A 94 -20.96 3.93 6.84
C LEU A 94 -20.62 3.44 5.44
N ALA A 95 -19.36 3.13 5.13
CA ALA A 95 -19.01 2.52 3.83
C ALA A 95 -20.02 1.48 3.45
N THR A 96 -20.21 0.49 4.32
CA THR A 96 -21.10 -0.64 4.01
C THR A 96 -22.63 -0.40 4.03
N GLN A 97 -23.10 0.80 4.41
CA GLN A 97 -24.52 1.19 4.22
C GLN A 97 -24.78 2.18 3.06
N ARG A 98 -23.74 2.76 2.48
CA ARG A 98 -23.87 3.73 1.40
C ARG A 98 -23.32 3.09 0.14
N ASP A 99 -23.43 3.79 -0.98
CA ASP A 99 -22.81 3.34 -2.24
C ASP A 99 -21.42 4.03 -2.41
N GLU A 100 -20.42 3.31 -1.93
CA GLU A 100 -19.08 3.75 -1.74
C GLU A 100 -18.44 4.14 -3.04
N PRO A 101 -17.95 5.38 -3.13
CA PRO A 101 -17.09 5.80 -4.26
C PRO A 101 -15.91 4.86 -4.38
N ARG A 102 -15.76 4.27 -5.57
CA ARG A 102 -14.77 3.21 -5.76
C ARG A 102 -14.42 2.94 -7.21
N MET A 103 -13.32 2.22 -7.43
CA MET A 103 -12.83 1.87 -8.77
C MET A 103 -13.35 0.56 -9.33
N THR A 104 -13.90 -0.31 -8.47
CA THR A 104 -14.34 -1.62 -8.92
C THR A 104 -15.78 -1.84 -8.53
N PRO A 105 -16.55 -2.57 -9.36
CA PRO A 105 -17.97 -2.63 -9.12
C PRO A 105 -18.43 -3.35 -7.85
N ARG A 106 -17.66 -4.32 -7.36
CA ARG A 106 -18.14 -5.11 -6.19
C ARG A 106 -18.29 -4.18 -4.99
N ALA A 107 -19.38 -4.34 -4.22
CA ALA A 107 -19.60 -3.59 -2.97
C ALA A 107 -18.45 -3.98 -2.04
N VAL A 108 -18.00 -3.06 -1.19
CA VAL A 108 -16.78 -3.27 -0.41
C VAL A 108 -17.05 -4.28 0.76
N PRO A 109 -16.17 -5.26 0.97
CA PRO A 109 -16.36 -6.20 2.09
C PRO A 109 -15.96 -5.55 3.40
N GLU A 110 -16.61 -5.94 4.49
CA GLU A 110 -16.20 -5.49 5.81
C GLU A 110 -14.79 -5.99 6.07
N SER A 111 -13.99 -5.15 6.71
CA SER A 111 -12.56 -5.47 7.00
C SER A 111 -12.14 -4.44 8.05
N ILE A 112 -10.90 -4.54 8.46
CA ILE A 112 -10.37 -3.58 9.38
C ILE A 112 -10.52 -2.13 8.80
N LEU A 113 -10.44 -1.97 7.49
CA LEU A 113 -10.53 -0.66 6.84
C LEU A 113 -11.98 -0.05 6.85
N THR A 114 -13.02 -0.86 7.07
CA THR A 114 -14.38 -0.37 7.16
C THR A 114 -14.84 -0.18 8.61
N MET A 115 -13.97 -0.35 9.61
CA MET A 115 -14.38 -0.18 10.97
C MET A 115 -14.09 1.20 11.50
N ASP A 116 -14.90 1.57 12.51
CA ASP A 116 -14.71 2.79 13.32
C ASP A 116 -14.37 2.42 14.78
N PRO A 117 -13.68 3.31 15.47
CA PRO A 117 -13.51 3.11 16.91
C PRO A 117 -14.90 3.04 17.56
N PRO A 118 -15.17 2.18 18.56
CA PRO A 118 -14.19 1.30 19.25
C PRO A 118 -13.89 -0.07 18.62
N ASP A 119 -14.75 -0.58 17.74
CA ASP A 119 -14.51 -1.87 17.10
C ASP A 119 -13.14 -1.92 16.36
N HIS A 120 -12.78 -0.81 15.68
CA HIS A 120 -11.53 -0.69 14.99
C HIS A 120 -10.34 -0.75 15.95
N THR A 121 -10.45 -0.02 17.06
CA THR A 121 -9.38 0.11 18.01
C THR A 121 -9.03 -1.29 18.59
N ARG A 122 -10.05 -2.07 18.90
CA ARG A 122 -9.87 -3.47 19.33
C ARG A 122 -9.07 -4.29 18.35
N LEU A 123 -9.45 -4.22 17.07
CA LEU A 123 -8.71 -4.91 16.03
C LEU A 123 -7.27 -4.42 15.94
N ARG A 124 -7.02 -3.10 15.89
CA ARG A 124 -5.64 -2.61 15.84
C ARG A 124 -4.79 -2.99 17.06
N THR A 125 -5.39 -2.95 18.24
CA THR A 125 -4.71 -3.36 19.46
C THR A 125 -4.26 -4.80 19.36
N LEU A 126 -5.18 -5.67 18.94
CA LEU A 126 -4.84 -7.10 18.79
C LEU A 126 -3.74 -7.30 17.77
N VAL A 127 -3.84 -6.62 16.64
CA VAL A 127 -2.87 -6.79 15.58
C VAL A 127 -1.50 -6.25 16.00
N SER A 128 -1.47 -5.15 16.77
CA SER A 128 -0.20 -4.57 17.24
C SER A 128 0.58 -5.52 18.20
N LYS A 129 -0.10 -6.45 18.88
CA LYS A 129 0.57 -7.45 19.73
C LYS A 129 1.46 -8.39 18.89
N ALA A 130 1.06 -8.62 17.64
CA ALA A 130 1.71 -9.54 16.73
C ALA A 130 2.63 -8.82 15.71
N PHE A 131 2.15 -7.72 15.16
CA PHE A 131 2.78 -7.10 13.98
C PHE A 131 3.66 -6.00 14.55
N THR A 132 4.75 -6.36 15.21
CA THR A 132 5.50 -5.41 16.03
C THR A 132 6.72 -4.84 15.27
N PRO A 133 7.21 -3.65 15.69
CA PRO A 133 8.39 -3.08 15.00
C PRO A 133 9.63 -4.01 15.13
N ARG A 134 9.75 -4.71 16.26
CA ARG A 134 10.80 -5.72 16.45
C ARG A 134 10.73 -6.86 15.44
N ARG A 135 9.53 -7.40 15.23
CA ARG A 135 9.33 -8.49 14.27
C ARG A 135 9.70 -8.01 12.88
N ILE A 136 9.32 -6.77 12.56
CA ILE A 136 9.71 -6.11 11.28
C ILE A 136 11.23 -5.89 11.10
N GLU A 137 11.87 -5.13 12.00
CA GLU A 137 13.33 -4.86 11.93
C GLU A 137 14.17 -6.14 11.91
N SER A 138 13.77 -7.13 12.70
CA SER A 138 14.51 -8.40 12.71
C SER A 138 14.58 -9.05 11.31
N LYS A 139 13.66 -8.71 10.40
CA LYS A 139 13.70 -9.18 9.03
C LYS A 139 14.53 -8.36 8.02
N ARG A 140 15.11 -7.25 8.45
CA ARG A 140 15.79 -6.31 7.51
C ARG A 140 16.95 -6.95 6.76
N ALA A 141 17.87 -7.57 7.48
CA ALA A 141 18.98 -8.33 6.86
C ALA A 141 18.48 -9.35 5.85
N TRP A 142 17.44 -10.10 6.21
CA TRP A 142 16.94 -11.12 5.34
C TRP A 142 16.34 -10.50 4.09
N ILE A 143 15.56 -9.43 4.26
CA ILE A 143 14.93 -8.76 3.12
C ILE A 143 16.03 -8.25 2.22
N GLY A 144 17.07 -7.73 2.83
CA GLY A 144 18.25 -7.27 2.08
C GLY A 144 18.93 -8.36 1.27
N GLU A 145 19.05 -9.55 1.87
CA GLU A 145 19.65 -10.72 1.21
C GLU A 145 18.76 -11.17 0.06
N LEU A 146 17.45 -11.15 0.32
CA LEU A 146 16.48 -11.51 -0.70
C LEU A 146 16.61 -10.61 -1.93
N ALA A 147 16.60 -9.30 -1.65
CA ALA A 147 16.72 -8.28 -2.67
C ALA A 147 18.02 -8.47 -3.46
N ALA A 148 19.14 -8.60 -2.75
CA ALA A 148 20.44 -8.82 -3.39
C ALA A 148 20.46 -10.07 -4.28
N GLY A 149 19.82 -11.14 -3.82
CA GLY A 149 19.67 -12.38 -4.56
C GLY A 149 18.89 -12.20 -5.83
N LEU A 150 17.81 -11.42 -5.78
CA LEU A 150 16.98 -11.16 -7.00
C LEU A 150 17.70 -10.32 -8.04
N VAL A 151 18.58 -9.43 -7.57
CA VAL A 151 19.37 -8.62 -8.45
C VAL A 151 20.39 -9.53 -9.14
N ALA A 152 21.08 -10.34 -8.34
CA ALA A 152 22.01 -11.35 -8.88
C ALA A 152 21.34 -12.33 -9.87
N ASP A 153 20.07 -12.68 -9.63
N ASP A 153 20.08 -12.70 -9.61
CA ASP A 153 19.35 -13.55 -10.56
CA ASP A 153 19.28 -13.53 -10.51
C ASP A 153 19.12 -12.85 -11.90
C ASP A 153 19.12 -12.85 -11.87
N MET A 154 18.70 -11.58 -11.86
CA MET A 154 18.53 -10.82 -13.10
C MET A 154 19.85 -10.72 -13.84
N LYS A 155 20.93 -10.47 -13.10
CA LYS A 155 22.27 -10.40 -13.68
C LYS A 155 22.64 -11.65 -14.43
N ALA A 156 22.46 -12.81 -13.77
CA ALA A 156 22.78 -14.11 -14.33
C ALA A 156 21.97 -14.43 -15.59
N GLY A 157 20.73 -13.94 -15.67
CA GLY A 157 19.92 -14.12 -16.86
C GLY A 157 20.34 -13.29 -18.06
N GLY A 158 21.02 -12.16 -17.81
CA GLY A 158 21.44 -11.24 -18.86
C GLY A 158 20.38 -10.20 -19.23
N ALA A 159 20.84 -9.05 -19.70
CA ALA A 159 19.98 -7.96 -20.11
C ALA A 159 19.23 -8.35 -21.39
N PRO A 160 18.03 -7.83 -21.66
CA PRO A 160 17.28 -6.98 -20.72
C PRO A 160 16.56 -7.87 -19.71
N ALA A 161 16.26 -7.32 -18.52
CA ALA A 161 15.42 -8.00 -17.54
C ALA A 161 14.14 -7.22 -17.43
N GLU A 162 13.06 -7.90 -17.02
CA GLU A 162 11.78 -7.24 -16.86
C GLU A 162 11.62 -6.99 -15.36
N LEU A 163 11.82 -5.73 -14.98
CA LEU A 163 11.99 -5.39 -13.56
C LEU A 163 10.73 -5.60 -12.70
N VAL A 164 9.56 -5.37 -13.29
CA VAL A 164 8.28 -5.53 -12.57
C VAL A 164 8.15 -6.97 -12.07
N GLY A 165 8.27 -7.94 -12.99
CA GLY A 165 8.06 -9.34 -12.65
C GLY A 165 9.17 -9.99 -11.86
N SER A 166 10.40 -9.62 -12.16
CA SER A 166 11.56 -10.20 -11.51
C SER A 166 11.95 -9.55 -10.20
N TYR A 167 11.40 -8.38 -9.87
CA TYR A 167 11.91 -7.61 -8.73
C TYR A 167 10.82 -6.91 -7.94
N ALA A 168 10.04 -6.05 -8.60
CA ALA A 168 9.09 -5.24 -7.91
C ALA A 168 7.97 -6.05 -7.31
N LEU A 169 7.52 -7.08 -8.01
CA LEU A 169 6.45 -7.96 -7.52
C LEU A 169 7.08 -9.05 -6.63
N ALA A 170 8.26 -9.52 -7.02
CA ALA A 170 8.87 -10.62 -6.31
C ALA A 170 9.17 -10.33 -4.83
N ILE A 171 9.59 -9.09 -4.53
CA ILE A 171 10.02 -8.80 -3.19
C ILE A 171 8.80 -8.82 -2.27
N PRO A 172 7.73 -8.05 -2.57
CA PRO A 172 6.68 -7.99 -1.57
C PRO A 172 5.91 -9.25 -1.34
N VAL A 173 5.66 -10.01 -2.41
CA VAL A 173 4.94 -11.27 -2.24
C VAL A 173 5.78 -12.24 -1.40
N THR A 174 7.09 -12.29 -1.60
CA THR A 174 7.93 -13.20 -0.83
C THR A 174 8.07 -12.74 0.59
N VAL A 175 8.19 -11.42 0.78
CA VAL A 175 8.28 -10.87 2.12
C VAL A 175 6.99 -11.11 2.93
N ILE A 176 5.83 -10.81 2.34
CA ILE A 176 4.58 -11.01 3.05
C ILE A 176 4.35 -12.50 3.39
N CYS A 177 4.59 -13.36 2.41
CA CYS A 177 4.45 -14.80 2.62
C CYS A 177 5.34 -15.30 3.73
N GLU A 178 6.58 -14.84 3.75
CA GLU A 178 7.50 -15.28 4.76
C GLU A 178 7.03 -14.84 6.14
N LEU A 179 6.62 -13.58 6.22
N LEU A 179 6.60 -13.58 6.23
CA LEU A 179 6.09 -13.00 7.46
CA LEU A 179 6.11 -13.04 7.50
C LEU A 179 4.88 -13.80 7.93
C LEU A 179 4.84 -13.72 7.97
N LEU A 180 3.94 -13.99 7.04
CA LEU A 180 2.70 -14.68 7.40
C LEU A 180 2.91 -16.14 7.79
N GLY A 181 3.92 -16.76 7.21
CA GLY A 181 4.22 -18.17 7.37
C GLY A 181 3.66 -19.05 6.28
N VAL A 182 3.40 -18.49 5.12
CA VAL A 182 2.91 -19.29 3.98
C VAL A 182 4.16 -20.05 3.48
N PRO A 183 4.14 -21.39 3.56
CA PRO A 183 5.32 -22.11 3.03
C PRO A 183 5.53 -21.96 1.52
N GLU A 184 6.77 -22.08 1.06
CA GLU A 184 7.09 -21.91 -0.36
C GLU A 184 6.24 -22.84 -1.23
N ASP A 185 6.01 -24.05 -0.75
CA ASP A 185 5.24 -25.04 -1.53
C ASP A 185 3.74 -24.89 -1.40
N ASP A 186 3.24 -23.78 -0.84
CA ASP A 186 1.80 -23.41 -0.93
C ASP A 186 1.62 -22.09 -1.68
N ARG A 187 2.70 -21.35 -1.98
CA ARG A 187 2.56 -19.99 -2.53
C ARG A 187 1.87 -19.92 -3.88
N THR A 188 1.84 -21.04 -4.61
CA THR A 188 1.07 -21.11 -5.84
C THR A 188 -0.39 -20.72 -5.67
N ARG A 189 -0.94 -20.94 -4.48
CA ARG A 189 -2.37 -20.61 -4.21
C ARG A 189 -2.64 -19.11 -4.29
N LEU A 190 -1.62 -18.31 -4.02
CA LEU A 190 -1.73 -16.83 -4.04
C LEU A 190 -1.52 -16.19 -5.41
N ARG A 191 -1.05 -16.98 -6.39
CA ARG A 191 -0.69 -16.45 -7.71
C ARG A 191 -1.92 -15.83 -8.44
N GLY A 192 -3.06 -16.48 -8.35
CA GLY A 192 -4.27 -15.98 -8.99
C GLY A 192 -4.57 -14.56 -8.56
N TRP A 193 -4.57 -14.32 -7.24
N TRP A 193 -4.56 -14.31 -7.26
CA TRP A 193 -4.84 -12.96 -6.75
CA TRP A 193 -4.90 -12.99 -6.83
C TRP A 193 -3.78 -12.01 -7.24
C TRP A 193 -3.78 -11.97 -7.12
N CYS A 194 -2.53 -12.40 -7.10
CA CYS A 194 -1.42 -11.56 -7.51
C CYS A 194 -1.55 -11.11 -8.98
N ASP A 195 -2.02 -11.98 -9.87
CA ASP A 195 -2.29 -11.62 -11.29
C ASP A 195 -3.45 -10.68 -11.42
N ALA A 196 -4.53 -10.99 -10.71
CA ALA A 196 -5.73 -10.14 -10.65
C ALA A 196 -5.44 -8.71 -10.20
N ALA A 197 -4.68 -8.56 -9.12
CA ALA A 197 -4.29 -7.26 -8.60
C ALA A 197 -3.53 -6.38 -9.65
N LEU A 198 -2.63 -6.99 -10.40
CA LEU A 198 -1.64 -6.24 -11.20
C LEU A 198 -1.98 -6.07 -12.67
N SER A 199 -3.12 -6.60 -13.13
CA SER A 199 -3.34 -6.77 -14.57
C SER A 199 -4.58 -6.07 -15.11
N THR A 200 -4.75 -6.19 -16.43
CA THR A 200 -6.02 -5.97 -17.13
C THR A 200 -6.31 -7.08 -18.18
N GLY A 201 -5.39 -8.05 -18.32
CA GLY A 201 -5.18 -8.77 -19.58
C GLY A 201 -5.00 -10.27 -19.47
N GLU A 202 -6.08 -11.05 -19.57
CA GLU A 202 -7.46 -10.55 -19.48
C GLU A 202 -8.20 -11.58 -18.64
N LEU A 203 -7.85 -11.58 -17.35
CA LEU A 203 -8.64 -12.27 -16.33
C LEU A 203 -10.14 -12.02 -16.55
N THR A 204 -10.94 -13.05 -16.30
CA THR A 204 -12.39 -12.96 -16.34
C THR A 204 -12.90 -12.48 -14.98
N ASP A 205 -14.08 -11.88 -14.98
CA ASP A 205 -14.77 -11.55 -13.74
C ASP A 205 -14.77 -12.75 -12.75
N GLU A 206 -15.15 -13.92 -13.30
CA GLU A 206 -15.26 -15.15 -12.51
C GLU A 206 -13.89 -15.63 -11.98
N GLU A 207 -12.83 -15.56 -12.78
CA GLU A 207 -11.47 -15.88 -12.31
C GLU A 207 -11.06 -14.99 -11.12
N CYS A 208 -11.40 -13.69 -11.18
CA CYS A 208 -11.15 -12.77 -10.05
C CYS A 208 -11.82 -13.20 -8.75
N VAL A 209 -13.11 -13.44 -8.82
CA VAL A 209 -13.85 -13.82 -7.65
C VAL A 209 -13.44 -15.24 -7.17
N GLN A 210 -13.17 -16.17 -8.09
CA GLN A 210 -12.67 -17.52 -7.68
C GLN A 210 -11.30 -17.39 -6.98
N SER A 211 -10.41 -16.53 -7.49
CA SER A 211 -9.08 -16.32 -6.95
C SER A 211 -9.10 -15.61 -5.58
N PHE A 212 -10.10 -14.76 -5.34
CA PHE A 212 -10.27 -14.10 -4.04
C PHE A 212 -10.87 -15.07 -3.04
N MET A 213 -11.92 -15.79 -3.44
N MET A 213 -11.90 -15.79 -3.47
CA MET A 213 -12.46 -16.86 -2.59
CA MET A 213 -12.47 -16.87 -2.69
C MET A 213 -11.34 -17.88 -2.27
C MET A 213 -11.40 -17.90 -2.32
N ASP A 214 -10.44 -18.11 -3.22
CA ASP A 214 -9.32 -19.04 -2.98
C ASP A 214 -8.45 -18.52 -1.85
N LEU A 215 -8.24 -17.21 -1.78
CA LEU A 215 -7.53 -16.61 -0.61
C LEU A 215 -8.21 -16.96 0.70
N GLN A 216 -9.55 -16.85 0.75
CA GLN A 216 -10.31 -17.21 1.94
C GLN A 216 -10.12 -18.65 2.33
N LYS A 217 -10.25 -19.52 1.34
CA LYS A 217 -10.13 -20.95 1.54
C LYS A 217 -8.74 -21.30 2.02
N TYR A 218 -7.74 -20.70 1.39
CA TYR A 218 -6.36 -20.98 1.72
C TYR A 218 -6.04 -20.52 3.16
N PHE A 219 -6.39 -19.27 3.46
CA PHE A 219 -6.10 -18.70 4.78
C PHE A 219 -6.92 -19.31 5.91
N GLU A 220 -8.11 -19.80 5.61
CA GLU A 220 -8.86 -20.60 6.55
C GLU A 220 -8.07 -21.83 6.93
N ASP A 221 -7.50 -22.52 5.93
CA ASP A 221 -6.66 -23.70 6.16
C ASP A 221 -5.43 -23.36 6.94
N LEU A 222 -4.78 -22.29 6.58
CA LEU A 222 -3.57 -21.87 7.27
C LEU A 222 -3.81 -21.52 8.75
N VAL A 223 -4.85 -20.76 8.99
CA VAL A 223 -5.24 -20.42 10.35
C VAL A 223 -5.57 -21.66 11.16
N LYS A 224 -6.34 -22.61 10.59
CA LYS A 224 -6.57 -23.88 11.30
C LYS A 224 -5.29 -24.64 11.58
N GLU A 225 -4.38 -24.69 10.61
N GLU A 225 -4.38 -24.69 10.60
CA GLU A 225 -3.15 -25.44 10.78
CA GLU A 225 -3.13 -25.43 10.73
C GLU A 225 -2.24 -24.80 11.85
C GLU A 225 -2.24 -24.80 11.84
N ARG A 226 -2.17 -23.48 11.84
CA ARG A 226 -1.35 -22.76 12.84
C ARG A 226 -1.95 -22.76 14.25
N ARG A 227 -3.25 -22.78 14.34
CA ARG A 227 -3.92 -22.95 15.65
C ARG A 227 -3.55 -24.31 16.25
N ALA A 228 -3.51 -25.34 15.41
CA ALA A 228 -3.20 -26.71 15.81
C ALA A 228 -1.70 -27.01 16.03
N GLU A 229 -0.86 -26.35 15.26
N GLU A 229 -0.86 -26.32 15.29
CA GLU A 229 0.60 -26.50 15.33
CA GLU A 229 0.59 -26.50 15.35
C GLU A 229 1.20 -25.11 15.14
C GLU A 229 1.20 -25.13 15.15
N PRO A 230 1.38 -24.37 16.24
CA PRO A 230 1.84 -23.01 16.10
C PRO A 230 3.30 -22.92 15.70
N ARG A 231 3.64 -21.88 14.95
N ARG A 231 3.63 -21.90 14.92
CA ARG A 231 5.00 -21.63 14.49
CA ARG A 231 5.01 -21.66 14.46
C ARG A 231 5.39 -20.22 14.85
C ARG A 231 5.38 -20.23 14.81
N ASP A 232 6.63 -19.85 14.56
CA ASP A 232 7.10 -18.48 14.77
C ASP A 232 6.80 -17.68 13.49
N ASP A 233 5.53 -17.36 13.26
CA ASP A 233 5.14 -16.52 12.14
C ASP A 233 3.99 -15.62 12.55
N LEU A 234 3.68 -14.66 11.68
CA LEU A 234 2.63 -13.69 12.01
C LEU A 234 1.29 -14.31 12.16
N THR A 235 0.99 -15.32 11.35
CA THR A 235 -0.31 -15.99 11.49
C THR A 235 -0.49 -16.58 12.91
N SER A 236 0.51 -17.30 13.41
CA SER A 236 0.44 -17.88 14.74
C SER A 236 0.36 -16.76 15.81
N ALA A 237 1.11 -15.69 15.62
CA ALA A 237 1.11 -14.60 16.59
C ALA A 237 -0.23 -13.90 16.62
N LEU A 238 -0.93 -13.77 15.46
CA LEU A 238 -2.26 -13.20 15.43
C LEU A 238 -3.28 -14.10 16.14
N ILE A 239 -3.15 -15.41 15.95
CA ILE A 239 -4.05 -16.36 16.61
C ILE A 239 -3.87 -16.28 18.13
N GLU A 240 -2.62 -16.09 18.57
CA GLU A 240 -2.24 -16.04 19.98
C GLU A 240 -2.51 -14.70 20.67
N ALA A 241 -2.80 -13.66 19.87
CA ALA A 241 -2.93 -12.30 20.41
C ALA A 241 -4.10 -12.24 21.34
N ARG A 242 -3.92 -11.58 22.48
CA ARG A 242 -4.99 -11.39 23.41
C ARG A 242 -4.93 -9.96 23.95
N ASP A 243 -6.12 -9.46 24.28
CA ASP A 243 -6.26 -8.24 25.09
C ASP A 243 -7.33 -8.58 26.13
N ALA A 244 -6.89 -9.04 27.29
CA ALA A 244 -7.73 -9.67 28.33
C ALA A 244 -8.27 -10.95 27.75
N HIS A 245 -9.56 -11.24 27.85
CA HIS A 245 -10.07 -12.44 27.19
C HIS A 245 -10.31 -12.19 25.71
N ASP A 246 -10.24 -10.93 25.25
CA ASP A 246 -10.52 -10.65 23.86
C ASP A 246 -9.47 -11.27 22.95
N ARG A 247 -9.94 -11.78 21.82
CA ARG A 247 -9.12 -12.45 20.84
C ARG A 247 -9.80 -12.27 19.48
N LEU A 248 -9.04 -12.52 18.40
CA LEU A 248 -9.57 -12.47 17.04
C LEU A 248 -10.32 -13.77 16.75
N ALA A 249 -11.58 -13.67 16.31
CA ALA A 249 -12.30 -14.85 15.85
C ALA A 249 -11.74 -15.32 14.52
N GLU A 250 -12.09 -16.54 14.20
CA GLU A 250 -11.54 -17.16 12.99
C GLU A 250 -11.79 -16.36 11.72
N PRO A 251 -13.03 -15.85 11.49
CA PRO A 251 -13.23 -15.01 10.29
C PRO A 251 -12.46 -13.69 10.32
N GLU A 252 -12.27 -13.11 11.50
CA GLU A 252 -11.45 -11.94 11.63
C GLU A 252 -9.99 -12.24 11.29
N LEU A 253 -9.44 -13.38 11.75
CA LEU A 253 -8.06 -13.77 11.40
C LEU A 253 -7.87 -13.94 9.91
N ILE A 254 -8.80 -14.67 9.28
CA ILE A 254 -8.74 -14.92 7.86
C ILE A 254 -8.74 -13.61 7.13
N GLY A 255 -9.70 -12.72 7.50
CA GLY A 255 -9.80 -11.38 6.88
C GLY A 255 -8.50 -10.56 7.06
N LEU A 256 -7.89 -10.61 8.24
CA LEU A 256 -6.65 -9.87 8.48
C LEU A 256 -5.52 -10.42 7.68
N CYS A 257 -5.40 -11.73 7.56
CA CYS A 257 -4.34 -12.26 6.66
C CYS A 257 -4.49 -11.74 5.25
N ILE A 258 -5.72 -11.69 4.78
CA ILE A 258 -6.01 -11.20 3.46
C ILE A 258 -5.76 -9.71 3.33
N SER A 259 -6.18 -8.95 4.33
CA SER A 259 -5.92 -7.48 4.35
C SER A 259 -4.43 -7.19 4.33
N ILE A 260 -3.64 -8.01 5.02
CA ILE A 260 -2.16 -7.85 5.04
C ILE A 260 -1.55 -8.14 3.67
N LEU A 261 -1.94 -9.26 3.10
CA LEU A 261 -1.47 -9.57 1.78
C LEU A 261 -1.83 -8.55 0.72
N ILE A 262 -3.10 -8.16 0.66
N ILE A 262 -3.13 -8.22 0.66
CA ILE A 262 -3.55 -7.23 -0.35
CA ILE A 262 -3.67 -7.22 -0.25
C ILE A 262 -3.13 -5.78 -0.08
C ILE A 262 -2.98 -5.88 -0.05
N GLY A 263 -2.98 -5.40 1.18
CA GLY A 263 -2.43 -4.08 1.50
C GLY A 263 -0.95 -3.89 1.19
N GLY A 264 -0.21 -4.97 1.25
CA GLY A 264 1.24 -4.97 1.13
C GLY A 264 1.76 -5.28 -0.27
N PHE A 265 0.95 -5.94 -1.11
CA PHE A 265 1.47 -6.52 -2.33
C PHE A 265 1.56 -5.46 -3.44
N GLU A 266 0.42 -5.04 -3.97
N GLU A 266 0.43 -5.03 -3.99
CA GLU A 266 0.42 -4.15 -5.10
CA GLU A 266 0.46 -4.13 -5.15
C GLU A 266 1.00 -2.80 -4.78
C GLU A 266 0.91 -2.72 -4.82
N THR A 267 0.71 -2.30 -3.58
CA THR A 267 1.21 -1.01 -3.10
C THR A 267 2.73 -0.98 -3.17
N THR A 268 3.37 -1.91 -2.45
CA THR A 268 4.80 -2.02 -2.41
C THR A 268 5.37 -2.24 -3.80
N ALA A 269 4.78 -3.17 -4.56
CA ALA A 269 5.20 -3.40 -5.94
C ALA A 269 5.15 -2.15 -6.84
N SER A 270 4.04 -1.41 -6.78
N SER A 270 4.04 -1.41 -6.77
CA SER A 270 3.89 -0.24 -7.62
CA SER A 270 3.88 -0.25 -7.63
C SER A 270 4.93 0.83 -7.27
C SER A 270 4.85 0.90 -7.26
N GLU A 271 5.21 0.99 -5.98
CA GLU A 271 6.17 1.97 -5.51
C GLU A 271 7.58 1.58 -5.92
N ILE A 272 7.96 0.31 -5.81
CA ILE A 272 9.27 -0.08 -6.31
C ILE A 272 9.42 0.27 -7.79
N SER A 273 8.43 -0.09 -8.60
N SER A 273 8.42 -0.12 -8.58
N SER A 273 8.44 -0.10 -8.59
CA SER A 273 8.49 0.21 -10.03
CA SER A 273 8.37 0.18 -10.02
CA SER A 273 8.47 0.21 -10.02
C SER A 273 8.51 1.70 -10.32
C SER A 273 8.49 1.67 -10.30
C SER A 273 8.52 1.70 -10.30
N SER A 274 7.65 2.46 -9.64
CA SER A 274 7.63 3.94 -9.82
C SER A 274 8.90 4.66 -9.33
N PHE A 275 9.43 4.19 -8.20
CA PHE A 275 10.70 4.74 -7.68
C PHE A 275 11.75 4.62 -8.76
N VAL A 276 11.94 3.40 -9.26
CA VAL A 276 12.94 3.16 -10.28
C VAL A 276 12.69 4.06 -11.53
N HIS A 277 11.44 4.13 -12.00
CA HIS A 277 11.08 5.02 -13.11
C HIS A 277 11.47 6.49 -12.87
N VAL A 278 11.07 7.02 -11.73
CA VAL A 278 11.33 8.43 -11.39
C VAL A 278 12.84 8.72 -11.30
N LEU A 279 13.55 7.84 -10.62
CA LEU A 279 15.00 7.98 -10.47
C LEU A 279 15.75 7.89 -11.80
N GLN A 280 15.24 7.05 -12.70
CA GLN A 280 15.82 6.93 -14.03
C GLN A 280 15.53 8.14 -14.93
N GLN A 281 14.35 8.75 -14.81
N GLN A 281 14.33 8.72 -14.82
CA GLN A 281 14.05 9.98 -15.56
CA GLN A 281 14.02 9.99 -15.49
C GLN A 281 14.73 11.23 -14.99
C GLN A 281 14.92 11.11 -15.03
N ARG A 282 15.13 11.19 -13.71
CA ARG A 282 15.86 12.26 -13.10
C ARG A 282 17.16 11.62 -12.62
N ARG A 283 17.96 11.18 -13.58
CA ARG A 283 19.08 10.30 -13.33
C ARG A 283 20.15 10.90 -12.41
N GLU A 284 20.22 12.23 -12.33
CA GLU A 284 21.07 12.92 -11.35
C GLU A 284 20.77 12.41 -9.89
N LEU A 285 19.53 12.05 -9.63
CA LEU A 285 19.13 11.48 -8.34
C LEU A 285 19.57 10.04 -8.16
N TRP A 286 19.42 9.23 -9.19
CA TRP A 286 19.93 7.84 -9.21
C TRP A 286 21.42 7.82 -8.89
N THR A 287 22.18 8.65 -9.59
N THR A 287 22.20 8.65 -9.57
CA THR A 287 23.65 8.73 -9.44
CA THR A 287 23.66 8.66 -9.41
C THR A 287 23.99 9.14 -8.02
C THR A 287 24.11 9.27 -8.07
N ARG A 288 23.26 10.13 -7.48
CA ARG A 288 23.44 10.55 -6.11
C ARG A 288 23.28 9.37 -5.15
N LEU A 289 22.24 8.57 -5.34
CA LEU A 289 22.03 7.42 -4.46
C LEU A 289 23.14 6.36 -4.65
N CYS A 290 23.64 6.21 -5.88
CA CYS A 290 24.77 5.29 -6.11
C CYS A 290 25.98 5.79 -5.30
N ALA A 291 26.18 7.10 -5.27
CA ALA A 291 27.32 7.68 -4.52
C ALA A 291 27.12 7.76 -3.02
N ASP A 292 25.89 7.57 -2.52
CA ASP A 292 25.52 7.97 -1.18
C ASP A 292 24.39 7.07 -0.74
N PRO A 293 24.66 5.77 -0.59
CA PRO A 293 23.57 4.85 -0.22
C PRO A 293 22.94 5.15 1.16
N GLU A 294 23.65 5.87 2.04
CA GLU A 294 23.04 6.31 3.28
C GLU A 294 21.87 7.30 3.09
N ALA A 295 21.76 7.89 1.92
CA ALA A 295 20.63 8.79 1.61
C ALA A 295 19.34 8.03 1.24
N ILE A 296 19.44 6.71 1.06
CA ILE A 296 18.27 5.92 0.66
C ILE A 296 17.04 6.06 1.58
N PRO A 297 17.21 5.98 2.93
CA PRO A 297 16.00 6.20 3.74
C PRO A 297 15.33 7.53 3.52
N ALA A 298 16.11 8.60 3.42
CA ALA A 298 15.52 9.92 3.11
C ALA A 298 14.86 9.91 1.72
N ALA A 299 15.53 9.28 0.75
CA ALA A 299 15.05 9.23 -0.61
C ALA A 299 13.73 8.45 -0.73
N VAL A 300 13.58 7.40 0.08
CA VAL A 300 12.35 6.63 0.12
C VAL A 300 11.21 7.53 0.59
N GLU A 301 11.42 8.30 1.65
CA GLU A 301 10.40 9.23 2.11
C GLU A 301 9.97 10.25 1.06
N GLU A 302 10.91 10.80 0.34
CA GLU A 302 10.65 11.81 -0.62
C GLU A 302 10.01 11.20 -1.88
N LEU A 303 10.43 10.02 -2.29
CA LEU A 303 9.80 9.36 -3.42
C LEU A 303 8.37 8.93 -3.06
N LEU A 304 8.12 8.51 -1.80
CA LEU A 304 6.80 8.21 -1.34
C LEU A 304 5.90 9.44 -1.45
N ARG A 305 6.43 10.60 -1.06
CA ARG A 305 5.74 11.88 -1.25
C ARG A 305 5.46 12.21 -2.71
N PHE A 306 6.47 12.04 -3.55
CA PHE A 306 6.45 12.60 -4.87
C PHE A 306 5.69 11.73 -5.84
N VAL A 307 5.82 10.41 -5.74
CA VAL A 307 5.23 9.52 -6.77
C VAL A 307 3.70 9.62 -6.74
N PRO A 308 3.06 10.08 -7.86
CA PRO A 308 1.59 10.28 -7.89
C PRO A 308 0.80 8.97 -7.99
N PHE A 309 -0.24 8.88 -7.16
CA PHE A 309 -1.23 7.79 -7.18
C PHE A 309 -2.15 8.04 -8.38
N ALA A 310 -2.57 6.97 -9.05
CA ALA A 310 -3.56 7.06 -10.13
C ALA A 310 -4.90 7.48 -9.51
N ALA A 311 -5.36 6.63 -8.60
CA ALA A 311 -6.65 6.82 -7.91
C ALA A 311 -6.41 7.33 -6.50
N ASN A 312 -7.49 7.31 -5.71
CA ASN A 312 -7.39 7.48 -4.26
C ASN A 312 -6.91 6.19 -3.54
N GLY A 313 -5.68 6.24 -3.01
CA GLY A 313 -5.18 5.24 -2.09
C GLY A 313 -5.89 5.29 -0.75
N ILE A 314 -6.42 6.48 -0.40
CA ILE A 314 -7.16 6.67 0.83
C ILE A 314 -8.65 6.49 0.60
N SER A 315 -9.27 5.67 1.46
CA SER A 315 -10.69 5.37 1.31
C SER A 315 -11.62 6.50 1.69
N PRO A 316 -12.85 6.55 1.12
CA PRO A 316 -13.78 7.59 1.46
C PRO A 316 -14.14 7.67 2.96
N ARG A 317 -14.30 8.87 3.49
CA ARG A 317 -14.78 9.03 4.87
C ARG A 317 -16.13 9.72 4.76
N TYR A 318 -17.06 9.30 5.59
CA TYR A 318 -18.45 9.78 5.52
C TYR A 318 -18.76 10.73 6.68
N ALA A 319 -19.29 11.90 6.36
CA ALA A 319 -19.62 12.92 7.37
C ALA A 319 -20.74 12.37 8.27
N LEU A 320 -20.58 12.41 9.58
CA LEU A 320 -21.68 11.94 10.47
C LEU A 320 -22.66 13.05 10.81
N GLU A 321 -22.37 14.25 10.34
CA GLU A 321 -23.25 15.38 10.46
C GLU A 321 -22.77 16.41 9.44
N ASP A 322 -23.62 17.38 9.15
CA ASP A 322 -23.31 18.38 8.16
C ASP A 322 -22.15 19.19 8.70
N MET A 323 -21.16 19.43 7.86
CA MET A 323 -19.94 20.16 8.28
C MET A 323 -19.39 20.86 7.07
N THR A 324 -18.71 21.98 7.27
CA THR A 324 -17.97 22.62 6.16
C THR A 324 -16.49 22.21 6.25
N VAL A 325 -15.93 21.82 5.11
CA VAL A 325 -14.55 21.36 5.00
C VAL A 325 -13.95 22.18 3.86
N GLY A 326 -12.97 22.98 4.20
CA GLY A 326 -12.27 23.79 3.24
C GLY A 326 -13.14 24.69 2.43
N GLY A 327 -14.26 25.12 3.02
CA GLY A 327 -15.20 25.97 2.42
C GLY A 327 -16.42 25.40 1.75
N VAL A 328 -16.55 24.07 1.65
N VAL A 328 -16.61 24.09 1.83
CA VAL A 328 -17.72 23.49 1.00
CA VAL A 328 -17.64 23.44 1.10
C VAL A 328 -18.49 22.78 2.07
C VAL A 328 -18.49 22.68 2.08
N LEU A 329 -19.82 22.80 1.95
CA LEU A 329 -20.70 21.98 2.77
C LEU A 329 -20.67 20.52 2.41
N VAL A 330 -20.19 19.70 3.36
CA VAL A 330 -20.32 18.28 3.29
C VAL A 330 -21.52 17.85 4.14
N ARG A 331 -22.52 17.29 3.48
CA ARG A 331 -23.74 16.87 4.17
C ARG A 331 -23.56 15.59 4.94
N GLU A 332 -24.34 15.42 5.98
CA GLU A 332 -24.40 14.15 6.71
C GLU A 332 -24.56 12.99 5.73
N GLY A 333 -23.72 11.98 5.82
CA GLY A 333 -23.82 10.85 4.90
C GLY A 333 -23.04 10.93 3.59
N GLU A 334 -22.45 12.07 3.27
CA GLU A 334 -21.69 12.23 2.06
C GLU A 334 -20.27 11.80 2.25
N PRO A 335 -19.70 11.21 1.18
CA PRO A 335 -18.27 10.84 1.25
C PRO A 335 -17.30 11.92 0.85
N VAL A 336 -16.15 11.89 1.51
CA VAL A 336 -15.07 12.77 1.22
C VAL A 336 -13.86 11.91 0.96
N ILE A 337 -13.15 12.17 -0.12
CA ILE A 337 -12.00 11.37 -0.54
C ILE A 337 -10.79 12.26 -0.49
N VAL A 338 -9.76 11.87 0.28
CA VAL A 338 -8.47 12.55 0.24
C VAL A 338 -7.66 12.08 -0.97
N ASP A 339 -7.27 13.02 -1.84
N ASP A 339 -7.25 13.01 -1.83
CA ASP A 339 -6.34 12.73 -2.93
CA ASP A 339 -6.37 12.72 -2.94
C ASP A 339 -4.92 12.77 -2.39
C ASP A 339 -4.93 12.77 -2.44
N THR A 340 -4.34 11.59 -2.21
CA THR A 340 -3.02 11.45 -1.64
C THR A 340 -1.98 12.25 -2.42
N SER A 341 -2.01 12.10 -3.74
CA SER A 341 -1.05 12.79 -4.59
C SER A 341 -1.07 14.29 -4.48
N ALA A 342 -2.26 14.89 -4.46
CA ALA A 342 -2.41 16.33 -4.32
C ALA A 342 -1.99 16.83 -2.93
N VAL A 343 -2.43 16.12 -1.89
N VAL A 343 -2.41 16.14 -1.86
CA VAL A 343 -2.14 16.56 -0.54
CA VAL A 343 -2.10 16.66 -0.52
C VAL A 343 -0.63 16.55 -0.34
C VAL A 343 -0.60 16.53 -0.28
N ASN A 344 0.03 15.55 -0.92
CA ASN A 344 1.51 15.40 -0.82
C ASN A 344 2.30 16.43 -1.64
N ARG A 345 1.60 17.16 -2.48
CA ARG A 345 2.19 18.27 -3.24
C ARG A 345 1.64 19.66 -2.84
N ASP A 346 1.03 19.74 -1.66
CA ASP A 346 0.37 20.94 -1.23
C ASP A 346 1.45 21.96 -0.93
N GLY A 347 1.52 23.00 -1.75
CA GLY A 347 2.57 24.00 -1.59
C GLY A 347 2.50 24.84 -0.31
N LEU A 348 1.38 24.79 0.40
CA LEU A 348 1.28 25.46 1.68
C LEU A 348 2.06 24.73 2.70
N VAL A 349 2.44 23.49 2.42
CA VAL A 349 3.16 22.66 3.37
C VAL A 349 4.55 22.32 2.91
N PHE A 350 4.74 22.04 1.62
CA PHE A 350 6.02 21.50 1.12
C PHE A 350 6.60 22.56 0.16
N ASP A 351 7.79 23.07 0.47
CA ASP A 351 8.44 23.99 -0.50
C ASP A 351 8.85 23.18 -1.73
N ASN A 352 8.78 23.78 -2.92
N ASN A 352 8.74 23.78 -2.91
CA ASN A 352 9.11 23.09 -4.19
CA ASN A 352 9.10 23.13 -4.17
C ASN A 352 8.49 21.70 -4.28
C ASN A 352 8.49 21.72 -4.29
N ALA A 353 7.19 21.66 -4.02
CA ALA A 353 6.45 20.42 -3.92
C ALA A 353 6.50 19.55 -5.17
N ASP A 354 6.73 20.17 -6.33
CA ASP A 354 6.71 19.44 -7.58
C ASP A 354 8.11 19.03 -8.04
N GLU A 355 9.10 19.15 -7.16
CA GLU A 355 10.43 18.57 -7.37
C GLU A 355 10.75 17.53 -6.34
N VAL A 356 11.68 16.63 -6.71
CA VAL A 356 12.24 15.64 -5.79
C VAL A 356 13.41 16.24 -5.00
N VAL A 357 13.22 16.45 -3.71
CA VAL A 357 14.23 16.96 -2.79
C VAL A 357 14.50 15.91 -1.70
N ILE A 358 15.45 15.01 -1.99
CA ILE A 358 15.76 13.85 -1.14
C ILE A 358 15.97 14.23 0.32
N ASP A 359 16.69 15.31 0.61
CA ASP A 359 16.97 15.66 2.00
C ASP A 359 16.02 16.70 2.55
N ARG A 360 14.80 16.68 2.04
CA ARG A 360 13.76 17.58 2.49
C ARG A 360 13.61 17.54 4.02
N ALA A 361 13.63 18.69 4.67
CA ALA A 361 13.43 18.76 6.12
C ALA A 361 11.93 18.77 6.41
N ASP A 362 11.50 17.95 7.37
CA ASP A 362 10.08 17.86 7.75
C ASP A 362 9.24 17.40 6.54
N ASN A 363 9.37 16.11 6.23
CA ASN A 363 8.67 15.47 5.13
C ASN A 363 7.55 14.60 5.66
N ARG A 364 6.57 15.25 6.30
CA ARG A 364 5.46 14.54 6.91
C ARG A 364 4.39 14.36 5.83
N HIS A 365 4.65 13.47 4.89
CA HIS A 365 3.67 13.15 3.83
C HIS A 365 2.55 12.25 4.37
N MET A 366 1.55 12.04 3.56
CA MET A 366 0.41 11.23 3.88
C MET A 366 0.26 9.99 3.05
N VAL A 367 1.36 9.47 2.49
CA VAL A 367 1.24 8.30 1.65
C VAL A 367 0.63 7.09 2.35
N PHE A 368 0.83 7.00 3.66
CA PHE A 368 0.30 5.90 4.49
C PHE A 368 -0.96 6.32 5.23
N GLY A 369 -1.57 7.42 4.80
CA GLY A 369 -2.72 7.98 5.52
C GLY A 369 -2.33 8.67 6.82
N HIS A 370 -3.29 8.73 7.74
CA HIS A 370 -3.17 9.48 8.99
C HIS A 370 -4.31 9.06 9.85
N GLY A 371 -4.19 9.32 11.13
CA GLY A 371 -5.24 9.01 12.07
C GLY A 371 -5.29 7.54 12.33
N ALA A 372 -6.48 7.07 12.71
CA ALA A 372 -6.60 5.68 13.20
C ALA A 372 -6.25 4.60 12.19
N HIS A 373 -6.57 4.84 10.93
CA HIS A 373 -6.34 3.84 9.89
C HIS A 373 -4.99 3.92 9.23
N HIS A 374 -4.09 4.79 9.76
CA HIS A 374 -2.72 4.90 9.24
C HIS A 374 -2.11 3.49 8.99
N CYS A 375 -1.50 3.32 7.81
CA CYS A 375 -1.04 2.01 7.34
C CYS A 375 -0.40 1.15 8.40
N LEU A 376 -1.03 0.01 8.71
CA LEU A 376 -0.48 -0.97 9.63
C LEU A 376 0.90 -1.41 9.18
N GLY A 377 1.09 -1.50 7.89
CA GLY A 377 2.36 -1.97 7.34
C GLY A 377 3.42 -0.93 7.04
N ALA A 378 3.26 0.30 7.54
CA ALA A 378 4.09 1.41 7.07
C ALA A 378 5.56 1.14 7.31
N HIS A 379 5.87 0.59 8.47
CA HIS A 379 7.24 0.31 8.79
C HIS A 379 7.83 -0.80 7.92
N LEU A 380 7.07 -1.86 7.70
CA LEU A 380 7.47 -2.94 6.80
C LEU A 380 7.69 -2.42 5.38
N ALA A 381 6.74 -1.63 4.89
CA ALA A 381 6.89 -1.02 3.58
C ALA A 381 8.19 -0.25 3.49
N ARG A 382 8.46 0.59 4.48
CA ARG A 382 9.73 1.36 4.48
C ARG A 382 10.94 0.44 4.42
N VAL A 383 10.96 -0.62 5.22
CA VAL A 383 12.06 -1.55 5.15
C VAL A 383 12.25 -2.19 3.76
N GLU A 384 11.15 -2.63 3.17
CA GLU A 384 11.16 -3.27 1.85
C GLU A 384 11.66 -2.30 0.79
N LEU A 385 11.14 -1.06 0.81
CA LEU A 385 11.55 -0.07 -0.20
C LEU A 385 13.03 0.36 -0.06
N GLN A 386 13.47 0.56 1.18
CA GLN A 386 14.87 0.90 1.46
C GLN A 386 15.82 -0.20 0.98
N GLU A 387 15.51 -1.42 1.34
CA GLU A 387 16.35 -2.54 0.96
C GLU A 387 16.26 -2.84 -0.56
N ALA A 388 15.07 -2.66 -1.15
CA ALA A 388 14.93 -2.83 -2.62
C ALA A 388 15.81 -1.83 -3.41
N LEU A 389 15.77 -0.56 -3.02
CA LEU A 389 16.58 0.44 -3.67
C LEU A 389 18.04 0.20 -3.40
N LYS A 390 18.37 -0.18 -2.16
CA LYS A 390 19.78 -0.42 -1.81
C LYS A 390 20.41 -1.51 -2.64
N ALA A 391 19.68 -2.60 -2.81
CA ALA A 391 20.23 -3.75 -3.54
C ALA A 391 20.41 -3.41 -5.01
N LEU A 392 19.52 -2.59 -5.54
CA LEU A 392 19.60 -2.24 -6.96
C LEU A 392 20.73 -1.30 -7.21
N VAL A 393 20.91 -0.30 -6.35
CA VAL A 393 21.97 0.66 -6.61
C VAL A 393 23.33 0.04 -6.37
N GLU A 394 23.43 -0.91 -5.45
CA GLU A 394 24.71 -1.59 -5.20
C GLU A 394 25.06 -2.64 -6.24
N GLY A 395 24.04 -3.36 -6.68
CA GLY A 395 24.19 -4.46 -7.63
C GLY A 395 24.16 -4.03 -9.07
N MET A 396 23.43 -2.96 -9.36
N MET A 396 23.41 -2.97 -9.36
CA MET A 396 23.27 -2.50 -10.74
CA MET A 396 23.24 -2.51 -10.73
C MET A 396 23.35 -0.99 -10.86
C MET A 396 23.32 -1.00 -10.79
N PRO A 397 24.47 -0.40 -10.43
CA PRO A 397 24.54 1.06 -10.46
C PRO A 397 24.44 1.61 -11.89
N GLY A 398 24.86 0.81 -12.87
CA GLY A 398 24.71 1.20 -14.26
C GLY A 398 23.33 0.93 -14.89
N LEU A 399 22.31 0.68 -14.07
N LEU A 399 22.30 0.70 -14.08
CA LEU A 399 20.95 0.39 -14.57
CA LEU A 399 20.97 0.38 -14.59
C LEU A 399 20.38 1.52 -15.43
C LEU A 399 20.38 1.51 -15.42
N ARG A 400 19.77 1.13 -16.54
CA ARG A 400 19.03 2.04 -17.39
C ARG A 400 17.78 1.33 -17.92
N LEU A 401 16.77 2.12 -18.28
CA LEU A 401 15.55 1.63 -18.91
C LEU A 401 15.80 1.36 -20.37
N SER A 402 15.19 0.28 -20.87
CA SER A 402 15.21 -0.10 -22.28
C SER A 402 13.94 0.37 -23.01
N GLY A 403 12.77 -0.08 -22.56
CA GLY A 403 11.48 0.29 -23.15
C GLY A 403 10.30 -0.02 -22.25
N ASP A 404 9.19 0.68 -22.48
N ALA A 415 1.89 3.16 -11.61
CA ALA A 415 3.20 2.58 -11.89
C ALA A 415 3.21 1.81 -13.20
N PRO A 416 4.40 1.58 -13.76
CA PRO A 416 4.54 0.66 -14.91
C PRO A 416 4.04 -0.76 -14.63
N ARG A 417 3.41 -1.37 -15.65
N ARG A 417 3.43 -1.40 -15.65
CA ARG A 417 3.07 -2.81 -15.64
CA ARG A 417 3.08 -2.82 -15.61
C ARG A 417 4.24 -3.67 -16.13
C ARG A 417 4.25 -3.69 -16.13
N VAL A 418 4.96 -3.18 -17.14
CA VAL A 418 6.18 -3.82 -17.67
C VAL A 418 7.25 -2.72 -17.74
N MET A 419 8.50 -3.08 -17.43
CA MET A 419 9.59 -2.12 -17.42
C MET A 419 10.90 -2.86 -17.61
N HIS A 420 11.43 -2.82 -18.83
CA HIS A 420 12.66 -3.54 -19.18
C HIS A 420 13.89 -2.70 -18.86
N VAL A 421 14.89 -3.38 -18.32
CA VAL A 421 16.12 -2.73 -17.85
C VAL A 421 17.37 -3.46 -18.36
N GLU A 422 18.40 -2.68 -18.62
CA GLU A 422 19.74 -3.18 -18.96
C GLU A 422 20.74 -2.54 -18.00
N TRP A 423 21.96 -3.04 -18.02
CA TRP A 423 22.94 -2.69 -16.98
C TRP A 423 24.36 -2.91 -17.49
#